data_9MEG
#
_entry.id   9MEG
#
_cell.length_a   50.930
_cell.length_b   81.440
_cell.length_c   110.820
_cell.angle_alpha   90.00
_cell.angle_beta   90.00
_cell.angle_gamma   90.00
#
_symmetry.space_group_name_H-M   'P 21 21 21'
#
loop_
_entity.id
_entity.type
_entity.pdbx_description
1 polymer 'MHC class I protein'
2 polymer Beta-2-microglobulin
3 polymer ARG-ALA-ARG-ALA-ARG-ALA-ARG-ALA-ARG-ALA-ARG-ALA-PHE-VAL-GLY-LYS-LYS-TYR-CYS-LEU
4 water water
#
loop_
_entity_poly.entity_id
_entity_poly.type
_entity_poly.pdbx_seq_one_letter_code
_entity_poly.pdbx_strand_id
1 'polypeptide(L)'
;GSHSMRYFDTAMSRPGRGEPRFISVGYVDDTQFVRFDSDAASPREEPRAPWIEQEGPEYWDRNTQIFKTNTQTDRCSLRN
LRGYYNQSEAGSHTLQSMYGCDVGPDGRLLRGHNQYAYDGKDYIALNEDLRSWTAADTAAQITQRKWEAARVAEQDRAYL
EGTCVEWLRRYLENGKDTLERADPPKTHVTHHPISDHEATLRCWALGFYPAEITLTWQRDGEDQTQDTELVETRPAGDRT
FQKWAAVVVPSGEEQRYTCHVQHEGLPKPLTLRWE
;
A
2 'polypeptide(L)'
;IQRTPKIQVYSRHPAENGKSNFLNCYVSGFHPSDIEVDLLKNGERIEKVEHSDLSFSKDWSFYLLYYTEFTPTEKDEYAC
RVNHVTLSQPKIVKWDRDM
;
B
3 'polypeptide(L)' RARARARARARAFVGKKYCL C
#
# COMPACT_ATOMS: atom_id res chain seq x y z
N GLY A 1 -1.78 -20.80 -4.40
CA GLY A 1 -0.70 -19.86 -4.73
C GLY A 1 0.23 -19.66 -3.53
N SER A 2 1.13 -18.69 -3.68
CA SER A 2 2.11 -18.33 -2.66
C SER A 2 1.53 -17.20 -1.83
N HIS A 3 2.05 -17.04 -0.60
CA HIS A 3 1.44 -16.10 0.32
C HIS A 3 2.52 -15.42 1.13
N SER A 4 2.17 -14.28 1.72
CA SER A 4 3.11 -13.57 2.59
C SER A 4 2.39 -13.04 3.82
N MET A 5 3.16 -12.91 4.90
CA MET A 5 2.76 -12.19 6.11
C MET A 5 3.77 -11.06 6.26
N ARG A 6 3.32 -9.83 6.38
CA ARG A 6 4.23 -8.70 6.45
C ARG A 6 3.67 -7.64 7.39
N TYR A 7 4.56 -7.09 8.23
CA TYR A 7 4.28 -5.91 9.03
C TYR A 7 4.93 -4.70 8.38
N PHE A 8 4.17 -3.60 8.33
CA PHE A 8 4.63 -2.30 7.85
C PHE A 8 4.53 -1.33 9.00
N ASP A 9 5.68 -0.97 9.57
CA ASP A 9 5.73 -0.15 10.78
C ASP A 9 6.27 1.24 10.41
N THR A 10 5.60 2.29 10.96
CA THR A 10 6.04 3.65 10.79
C THR A 10 6.20 4.29 12.18
N ALA A 11 7.33 4.95 12.41
CA ALA A 11 7.50 5.76 13.61
C ALA A 11 7.96 7.15 13.17
N MET A 12 7.29 8.17 13.71
CA MET A 12 7.46 9.52 13.25
C MET A 12 7.65 10.45 14.41
N SER A 13 8.81 11.12 14.48
CA SER A 13 8.99 12.13 15.51
C SER A 13 8.29 13.44 15.13
N ARG A 14 8.01 14.22 16.19
CA ARG A 14 7.19 15.42 16.11
C ARG A 14 7.56 16.37 17.26
N PRO A 15 8.78 16.93 17.27
CA PRO A 15 9.21 17.77 18.38
C PRO A 15 8.20 18.85 18.79
N GLY A 16 7.88 18.89 20.09
CA GLY A 16 6.95 19.86 20.64
C GLY A 16 5.52 19.35 20.63
N ARG A 17 5.30 18.15 20.08
CA ARG A 17 3.97 17.56 19.97
C ARG A 17 3.95 16.15 20.54
N GLY A 18 4.78 15.89 21.57
CA GLY A 18 4.80 14.62 22.24
C GLY A 18 5.84 13.66 21.66
N GLU A 19 5.74 12.44 22.16
CA GLU A 19 6.68 11.38 21.80
C GLU A 19 6.33 10.90 20.40
N PRO A 20 7.29 10.29 19.68
CA PRO A 20 6.97 9.82 18.32
C PRO A 20 5.79 8.87 18.22
N ARG A 21 4.91 9.08 17.25
CA ARG A 21 3.84 8.14 16.95
C ARG A 21 4.41 6.86 16.35
N PHE A 22 3.94 5.72 16.85
CA PHE A 22 4.20 4.42 16.30
C PHE A 22 2.94 3.76 15.77
N ILE A 23 2.94 3.37 14.47
CA ILE A 23 1.85 2.57 13.94
C ILE A 23 2.43 1.34 13.25
N SER A 24 1.86 0.19 13.56
CA SER A 24 2.20 -1.12 12.99
C SER A 24 0.94 -1.73 12.35
N VAL A 25 1.00 -2.12 11.07
CA VAL A 25 -0.09 -2.74 10.36
C VAL A 25 0.42 -4.07 9.80
N GLY A 26 -0.32 -5.15 10.15
CA GLY A 26 0.01 -6.49 9.68
C GLY A 26 -0.91 -6.96 8.57
N TYR A 27 -0.33 -7.56 7.55
CA TYR A 27 -1.04 -8.05 6.38
C TYR A 27 -0.75 -9.52 6.11
N VAL A 28 -1.78 -10.25 5.64
CA VAL A 28 -1.62 -11.50 4.94
C VAL A 28 -1.96 -11.19 3.49
N ASP A 29 -0.96 -11.27 2.59
CA ASP A 29 -1.16 -10.83 1.23
C ASP A 29 -1.69 -9.40 1.22
N ASP A 30 -2.86 -9.14 0.60
CA ASP A 30 -3.37 -7.77 0.54
C ASP A 30 -4.53 -7.54 1.52
N THR A 31 -4.59 -8.37 2.56
CA THR A 31 -5.61 -8.29 3.62
C THR A 31 -4.96 -7.88 4.94
N GLN A 32 -5.36 -6.72 5.49
CA GLN A 32 -4.92 -6.30 6.82
C GLN A 32 -5.57 -7.21 7.85
N PHE A 33 -4.78 -7.70 8.81
CA PHE A 33 -5.30 -8.51 9.92
C PHE A 33 -5.14 -7.88 11.31
N VAL A 34 -4.29 -6.86 11.47
CA VAL A 34 -4.08 -6.23 12.77
C VAL A 34 -3.52 -4.84 12.54
N ARG A 35 -3.79 -3.94 13.49
CA ARG A 35 -3.20 -2.62 13.51
C ARG A 35 -2.93 -2.29 14.97
N PHE A 36 -1.82 -1.58 15.22
CA PHE A 36 -1.57 -0.99 16.51
C PHE A 36 -1.13 0.43 16.29
N ASP A 37 -1.76 1.40 16.95
CA ASP A 37 -1.41 2.81 16.80
C ASP A 37 -1.23 3.42 18.19
N SER A 38 -0.06 3.95 18.47
CA SER A 38 0.21 4.48 19.81
C SER A 38 -0.63 5.71 20.11
N ASP A 39 -1.25 6.34 19.11
CA ASP A 39 -2.10 7.51 19.29
C ASP A 39 -3.56 7.09 19.44
N ALA A 40 -3.88 5.82 19.16
CA ALA A 40 -5.28 5.39 19.28
C ALA A 40 -5.75 5.52 20.72
N ALA A 41 -6.97 6.05 20.92
CA ALA A 41 -7.62 5.90 22.21
C ALA A 41 -7.76 4.42 22.55
N SER A 42 -8.19 3.62 21.55
CA SER A 42 -8.14 2.17 21.61
C SER A 42 -7.03 1.63 20.69
N PRO A 43 -5.79 1.48 21.24
CA PRO A 43 -4.60 0.96 20.51
C PRO A 43 -4.69 0.11 19.25
N ARG A 44 -5.21 -1.10 19.46
CA ARG A 44 -5.19 -2.19 18.49
C ARG A 44 -6.59 -2.31 17.89
N GLU A 45 -6.64 -2.50 16.57
CA GLU A 45 -7.87 -2.81 15.86
C GLU A 45 -7.72 -4.15 15.12
N GLU A 46 -8.86 -4.82 14.92
CA GLU A 46 -8.89 -6.20 14.49
C GLU A 46 -10.13 -6.43 13.62
N PRO A 47 -10.00 -6.92 12.36
CA PRO A 47 -11.17 -7.33 11.57
C PRO A 47 -11.61 -8.75 11.95
N TYR A 59 -3.58 -13.95 25.69
CA TYR A 59 -3.03 -14.04 24.30
C TYR A 59 -3.01 -12.65 23.67
N TRP A 60 -4.20 -12.05 23.54
CA TRP A 60 -4.35 -10.67 23.09
C TRP A 60 -3.28 -9.86 23.80
N ASP A 61 -3.36 -9.87 25.16
CA ASP A 61 -2.36 -9.43 26.12
C ASP A 61 -0.92 -9.58 25.61
N ARG A 62 -0.43 -10.80 25.29
CA ARG A 62 0.97 -10.95 24.96
C ARG A 62 1.36 -10.17 23.68
N ASN A 63 0.45 -10.13 22.70
CA ASN A 63 0.69 -9.43 21.43
C ASN A 63 0.67 -7.91 21.65
N THR A 64 -0.28 -7.44 22.46
CA THR A 64 -0.36 -6.03 22.78
C THR A 64 0.93 -5.60 23.50
N GLN A 65 1.46 -6.43 24.39
CA GLN A 65 2.67 -6.06 25.09
C GLN A 65 3.83 -5.90 24.11
N ILE A 66 3.89 -6.75 23.08
CA ILE A 66 5.00 -6.68 22.10
C ILE A 66 4.87 -5.38 21.31
N PHE A 67 3.64 -4.97 20.95
CA PHE A 67 3.45 -3.71 20.21
C PHE A 67 3.87 -2.53 21.08
N LYS A 68 3.52 -2.58 22.37
CA LYS A 68 3.91 -1.51 23.28
C LYS A 68 5.43 -1.45 23.41
N THR A 69 6.08 -2.59 23.59
CA THR A 69 7.52 -2.58 23.68
C THR A 69 8.14 -2.10 22.35
N ASN A 70 7.59 -2.53 21.22
CA ASN A 70 8.03 -2.06 19.91
C ASN A 70 7.92 -0.54 19.76
N THR A 71 6.87 0.08 20.28
CA THR A 71 6.75 1.54 20.36
C THR A 71 7.99 2.13 21.03
N GLN A 72 8.38 1.60 22.20
CA GLN A 72 9.52 2.14 22.93
C GLN A 72 10.80 1.90 22.15
N THR A 73 10.90 0.72 21.48
CA THR A 73 12.11 0.39 20.72
C THR A 73 12.29 1.32 19.52
N ASP A 74 11.20 1.66 18.82
CA ASP A 74 11.33 2.55 17.68
C ASP A 74 11.66 3.98 18.13
N ARG A 75 11.21 4.37 19.33
CA ARG A 75 11.58 5.67 19.86
C ARG A 75 13.07 5.70 20.20
N CYS A 76 13.61 4.60 20.77
CA CYS A 76 15.04 4.46 21.01
C CYS A 76 15.79 4.63 19.70
N SER A 77 15.34 3.92 18.70
CA SER A 77 15.92 3.97 17.36
C SER A 77 15.96 5.38 16.81
N LEU A 78 14.83 6.09 16.87
CA LEU A 78 14.77 7.45 16.36
C LEU A 78 15.81 8.33 17.07
N ARG A 79 15.96 8.21 18.39
CA ARG A 79 16.93 9.00 19.14
C ARG A 79 18.35 8.68 18.66
N ASN A 80 18.65 7.41 18.47
CA ASN A 80 19.99 7.02 18.05
C ASN A 80 20.25 7.53 16.63
N LEU A 81 19.29 7.40 15.70
CA LEU A 81 19.47 7.82 14.33
C LEU A 81 19.74 9.32 14.24
N ARG A 82 19.02 10.12 15.03
CA ARG A 82 19.28 11.55 15.01
C ARG A 82 20.74 11.82 15.32
N GLY A 83 21.28 11.13 16.33
CA GLY A 83 22.68 11.28 16.64
C GLY A 83 23.65 10.79 15.57
N TYR A 84 23.33 9.65 14.94
CA TYR A 84 24.19 9.08 13.91
C TYR A 84 24.34 9.98 12.71
N TYR A 85 23.38 10.91 12.48
CA TYR A 85 23.44 11.84 11.37
C TYR A 85 23.70 13.27 11.81
N ASN A 86 24.02 13.47 13.10
CA ASN A 86 24.34 14.80 13.62
C ASN A 86 23.19 15.80 13.46
N GLN A 87 21.94 15.32 13.56
CA GLN A 87 20.77 16.12 13.26
C GLN A 87 20.30 16.86 14.52
N SER A 88 19.65 17.99 14.28
CA SER A 88 19.16 18.80 15.40
C SER A 88 17.90 18.17 15.97
N GLU A 89 17.54 18.62 17.16
CA GLU A 89 16.37 18.13 17.85
C GLU A 89 15.12 18.84 17.31
N ALA A 90 15.24 19.82 16.40
CA ALA A 90 14.09 20.58 15.90
C ALA A 90 13.26 19.86 14.82
N GLY A 91 13.87 19.01 14.02
CA GLY A 91 13.17 18.45 12.88
C GLY A 91 12.39 17.16 13.20
N SER A 92 11.42 16.89 12.35
CA SER A 92 10.73 15.59 12.37
C SER A 92 11.39 14.59 11.43
N HIS A 93 11.44 13.33 11.85
CA HIS A 93 12.08 12.26 11.09
C HIS A 93 11.18 11.01 11.12
N THR A 94 11.40 10.14 10.15
CA THR A 94 10.59 8.94 9.95
C THR A 94 11.48 7.72 9.96
N LEU A 95 11.08 6.69 10.72
CA LEU A 95 11.66 5.35 10.68
C LEU A 95 10.59 4.38 10.19
N GLN A 96 10.86 3.64 9.11
CA GLN A 96 9.96 2.62 8.63
C GLN A 96 10.62 1.24 8.70
N SER A 97 9.81 0.19 8.90
CA SER A 97 10.28 -1.18 9.01
C SER A 97 9.33 -2.07 8.22
N MET A 98 9.89 -3.03 7.48
CA MET A 98 9.11 -4.15 6.93
C MET A 98 9.73 -5.46 7.46
N TYR A 99 8.86 -6.33 7.98
CA TYR A 99 9.33 -7.65 8.36
C TYR A 99 8.28 -8.74 8.11
N GLY A 100 8.76 -9.95 7.89
CA GLY A 100 7.86 -11.09 7.76
C GLY A 100 8.38 -12.14 6.80
N CYS A 101 7.48 -13.01 6.38
CA CYS A 101 7.84 -14.25 5.70
C CYS A 101 6.97 -14.48 4.47
N ASP A 102 7.59 -15.13 3.47
CA ASP A 102 6.89 -15.57 2.27
C ASP A 102 6.90 -17.09 2.21
N VAL A 103 5.75 -17.72 1.89
CA VAL A 103 5.70 -19.16 1.75
C VAL A 103 5.14 -19.52 0.38
N GLY A 104 5.43 -20.76 -0.02
CA GLY A 104 4.92 -21.27 -1.28
C GLY A 104 3.58 -21.99 -1.07
N PRO A 105 3.04 -22.57 -2.17
CA PRO A 105 1.73 -23.24 -2.14
C PRO A 105 1.66 -24.39 -1.14
N ASP A 106 2.81 -24.98 -0.81
CA ASP A 106 2.89 -26.07 0.13
C ASP A 106 3.13 -25.60 1.57
N GLY A 107 3.22 -24.29 1.79
CA GLY A 107 3.48 -23.81 3.15
C GLY A 107 4.96 -23.68 3.51
N ARG A 108 5.89 -24.07 2.61
CA ARG A 108 7.30 -23.99 2.95
C ARG A 108 7.81 -22.55 2.79
N LEU A 109 8.76 -22.21 3.65
CA LEU A 109 9.43 -20.92 3.62
C LEU A 109 10.09 -20.72 2.26
N LEU A 110 9.76 -19.60 1.61
CA LEU A 110 10.45 -19.11 0.43
C LEU A 110 11.56 -18.18 0.85
N ARG A 111 11.21 -17.15 1.66
CA ARG A 111 12.22 -16.28 2.23
C ARG A 111 11.67 -15.38 3.32
N GLY A 112 12.58 -14.88 4.15
CA GLY A 112 12.28 -13.91 5.19
C GLY A 112 12.76 -12.51 4.84
N HIS A 113 12.23 -11.54 5.60
CA HIS A 113 12.48 -10.13 5.41
C HIS A 113 12.57 -9.43 6.79
N ASN A 114 13.55 -8.50 6.97
CA ASN A 114 13.62 -7.61 8.14
C ASN A 114 14.47 -6.42 7.73
N GLN A 115 13.81 -5.32 7.38
CA GLN A 115 14.57 -4.20 6.87
C GLN A 115 13.96 -2.86 7.28
N TYR A 116 14.78 -1.81 7.10
CA TYR A 116 14.46 -0.50 7.64
C TYR A 116 14.85 0.59 6.66
N ALA A 117 14.11 1.71 6.74
CA ALA A 117 14.41 2.94 6.02
C ALA A 117 14.28 4.14 6.98
N TYR A 118 15.16 5.12 6.75
CA TYR A 118 15.19 6.33 7.55
C TYR A 118 14.97 7.49 6.60
N ASP A 119 13.98 8.32 6.90
CA ASP A 119 13.64 9.46 6.05
C ASP A 119 13.51 9.05 4.59
N GLY A 120 12.88 7.90 4.34
CA GLY A 120 12.57 7.38 3.01
C GLY A 120 13.71 6.72 2.26
N LYS A 121 14.88 6.57 2.90
CA LYS A 121 16.06 5.97 2.28
C LYS A 121 16.35 4.63 2.98
N ASP A 122 16.59 3.58 2.19
CA ASP A 122 17.03 2.31 2.75
C ASP A 122 18.20 2.56 3.70
N TYR A 123 18.17 1.87 4.87
CA TYR A 123 19.15 2.06 5.94
C TYR A 123 19.88 0.75 6.21
N ILE A 124 19.15 -0.31 6.59
CA ILE A 124 19.78 -1.61 6.86
C ILE A 124 18.76 -2.71 6.53
N ALA A 125 19.25 -3.87 6.10
CA ALA A 125 18.39 -5.01 5.81
C ALA A 125 19.08 -6.30 6.18
N LEU A 126 18.32 -7.23 6.71
CA LEU A 126 18.74 -8.61 6.90
C LEU A 126 18.82 -9.25 5.51
N ASN A 127 20.00 -9.85 5.24
CA ASN A 127 20.15 -10.51 3.95
C ASN A 127 19.31 -11.79 3.89
N GLU A 128 19.16 -12.30 2.65
CA GLU A 128 18.34 -13.49 2.39
C GLU A 128 18.80 -14.71 3.20
N ASP A 129 20.07 -14.76 3.54
CA ASP A 129 20.59 -15.82 4.38
C ASP A 129 20.06 -15.82 5.81
N LEU A 130 19.48 -14.70 6.24
CA LEU A 130 18.98 -14.55 7.59
C LEU A 130 20.10 -14.57 8.62
N ARG A 131 21.33 -14.28 8.19
CA ARG A 131 22.48 -14.37 9.08
C ARG A 131 23.33 -13.11 9.11
N SER A 132 23.25 -12.29 8.08
CA SER A 132 24.13 -11.16 7.84
C SER A 132 23.33 -9.95 7.37
N TRP A 133 23.97 -8.78 7.46
CA TRP A 133 23.36 -7.49 7.24
C TRP A 133 23.98 -6.77 6.06
N THR A 134 23.16 -5.96 5.42
CA THR A 134 23.64 -4.97 4.48
C THR A 134 23.27 -3.55 4.96
N ALA A 135 24.32 -2.75 5.21
CA ALA A 135 24.18 -1.40 5.74
C ALA A 135 24.42 -0.39 4.62
N ALA A 136 23.54 0.61 4.53
CA ALA A 136 23.63 1.58 3.43
C ALA A 136 24.78 2.59 3.56
N ASP A 137 25.21 2.91 4.76
CA ASP A 137 26.11 4.03 5.02
C ASP A 137 26.81 3.83 6.36
N THR A 138 27.68 4.79 6.72
CA THR A 138 28.49 4.65 7.93
C THR A 138 27.64 4.69 9.19
N ALA A 139 26.46 5.34 9.18
CA ALA A 139 25.52 5.32 10.27
C ALA A 139 24.95 3.91 10.43
N ALA A 140 24.48 3.34 9.32
CA ALA A 140 23.93 1.97 9.39
C ALA A 140 25.00 0.96 9.80
N GLN A 141 26.28 1.22 9.53
CA GLN A 141 27.36 0.36 10.01
C GLN A 141 27.41 0.32 11.53
N ILE A 142 27.09 1.41 12.21
CA ILE A 142 27.02 1.39 13.67
C ILE A 142 25.93 0.42 14.10
N THR A 143 24.73 0.54 13.50
CA THR A 143 23.67 -0.39 13.84
C THR A 143 24.14 -1.83 13.58
N GLN A 144 24.74 -2.05 12.41
CA GLN A 144 25.21 -3.37 12.03
C GLN A 144 26.13 -3.93 13.13
N ARG A 145 27.16 -3.15 13.55
CA ARG A 145 28.10 -3.67 14.53
C ARG A 145 27.41 -4.02 15.84
N LYS A 146 26.46 -3.16 16.22
CA LYS A 146 25.69 -3.35 17.46
C LYS A 146 24.91 -4.67 17.38
N TRP A 147 24.23 -4.90 16.27
CA TRP A 147 23.40 -6.07 16.09
C TRP A 147 24.22 -7.35 15.96
N GLU A 148 25.44 -7.24 15.36
CA GLU A 148 26.36 -8.37 15.32
C GLU A 148 26.81 -8.74 16.74
N ALA A 149 27.14 -7.71 17.53
CA ALA A 149 27.62 -7.95 18.90
C ALA A 149 26.55 -8.61 19.75
N ALA A 150 25.28 -8.29 19.51
CA ALA A 150 24.19 -8.87 20.28
C ALA A 150 23.53 -10.09 19.63
N ARG A 151 24.05 -10.55 18.49
CA ARG A 151 23.50 -11.73 17.82
C ARG A 151 22.01 -11.57 17.52
N VAL A 152 21.64 -10.38 16.99
CA VAL A 152 20.27 -10.06 16.69
C VAL A 152 19.76 -10.88 15.51
N ALA A 153 20.61 -11.08 14.49
CA ALA A 153 20.19 -11.84 13.31
C ALA A 153 19.65 -13.22 13.71
N GLU A 154 20.29 -13.87 14.69
CA GLU A 154 19.82 -15.17 15.14
C GLU A 154 18.39 -15.12 15.67
N GLN A 155 18.09 -14.09 16.47
CA GLN A 155 16.72 -13.91 17.00
C GLN A 155 15.73 -13.62 15.88
N ASP A 156 16.12 -12.74 14.95
CA ASP A 156 15.23 -12.47 13.83
C ASP A 156 15.01 -13.72 13.00
N ARG A 157 16.04 -14.49 12.73
CA ARG A 157 15.91 -15.73 11.96
C ARG A 157 14.92 -16.68 12.64
N ALA A 158 15.05 -16.84 13.93
CA ALA A 158 14.17 -17.76 14.66
C ALA A 158 12.70 -17.39 14.52
N TYR A 159 12.37 -16.11 14.56
CA TYR A 159 11.00 -15.65 14.39
C TYR A 159 10.54 -15.95 12.97
N LEU A 160 11.37 -15.54 12.00
CA LEU A 160 10.97 -15.64 10.61
C LEU A 160 10.78 -17.06 10.14
N GLU A 161 11.64 -17.99 10.56
CA GLU A 161 11.53 -19.40 10.16
C GLU A 161 10.52 -20.19 10.99
N GLY A 162 10.26 -19.78 12.24
CA GLY A 162 9.41 -20.51 13.19
C GLY A 162 8.03 -19.87 13.24
N THR A 163 7.89 -18.92 14.15
CA THR A 163 6.64 -18.29 14.49
C THR A 163 5.93 -17.70 13.28
N CYS A 164 6.65 -16.96 12.44
CA CYS A 164 6.05 -16.29 11.29
C CYS A 164 5.36 -17.32 10.41
N VAL A 165 6.11 -18.36 10.01
CA VAL A 165 5.63 -19.33 9.03
C VAL A 165 4.50 -20.12 9.66
N GLU A 166 4.62 -20.45 10.95
CA GLU A 166 3.56 -21.21 11.62
C GLU A 166 2.27 -20.41 11.72
N TRP A 167 2.34 -19.13 12.08
CA TRP A 167 1.15 -18.31 12.13
C TRP A 167 0.55 -18.11 10.76
N LEU A 168 1.38 -17.91 9.75
CA LEU A 168 0.84 -17.67 8.43
C LEU A 168 0.06 -18.91 7.97
N ARG A 169 0.61 -20.10 8.20
CA ARG A 169 -0.06 -21.34 7.79
C ARG A 169 -1.40 -21.51 8.51
N ARG A 170 -1.48 -21.16 9.81
CA ARG A 170 -2.69 -21.28 10.60
C ARG A 170 -3.72 -20.27 10.10
N TYR A 171 -3.30 -19.01 9.83
CA TYR A 171 -4.25 -18.00 9.38
C TYR A 171 -4.84 -18.38 8.03
N LEU A 172 -4.01 -18.87 7.14
CA LEU A 172 -4.44 -19.22 5.80
C LEU A 172 -5.50 -20.32 5.90
N GLU A 173 -5.26 -21.29 6.79
CA GLU A 173 -6.19 -22.39 6.87
C GLU A 173 -7.50 -21.91 7.48
N ASN A 174 -7.44 -21.07 8.53
CA ASN A 174 -8.62 -20.65 9.25
C ASN A 174 -9.43 -19.72 8.36
N GLY A 175 -8.72 -18.95 7.50
CA GLY A 175 -9.37 -17.99 6.62
C GLY A 175 -9.41 -18.43 5.15
N LYS A 176 -9.40 -19.76 4.89
CA LYS A 176 -9.23 -20.29 3.55
C LYS A 176 -10.31 -19.82 2.57
N ASP A 177 -11.53 -19.50 3.05
CA ASP A 177 -12.59 -19.13 2.13
C ASP A 177 -12.37 -17.73 1.55
N THR A 178 -11.52 -16.90 2.19
CA THR A 178 -11.21 -15.56 1.68
C THR A 178 -9.74 -15.47 1.30
N LEU A 179 -8.83 -15.82 2.22
CA LEU A 179 -7.43 -15.60 1.96
C LEU A 179 -6.91 -16.47 0.82
N GLU A 180 -7.49 -17.68 0.63
CA GLU A 180 -7.10 -18.56 -0.45
C GLU A 180 -8.04 -18.55 -1.63
N ARG A 181 -8.86 -17.53 -1.72
CA ARG A 181 -9.76 -17.40 -2.86
C ARG A 181 -9.28 -16.19 -3.67
N ALA A 182 -8.98 -16.46 -4.94
CA ALA A 182 -8.66 -15.40 -5.89
C ALA A 182 -9.92 -15.03 -6.66
N ASP A 183 -10.25 -13.75 -6.68
CA ASP A 183 -11.43 -13.24 -7.36
C ASP A 183 -10.95 -12.61 -8.66
N PRO A 184 -11.40 -13.12 -9.82
CA PRO A 184 -10.95 -12.59 -11.10
C PRO A 184 -11.46 -11.18 -11.37
N PRO A 185 -10.74 -10.43 -12.22
CA PRO A 185 -11.26 -9.14 -12.62
C PRO A 185 -12.49 -9.27 -13.52
N LYS A 186 -13.35 -8.30 -13.36
CA LYS A 186 -14.45 -7.99 -14.27
C LYS A 186 -13.89 -6.95 -15.25
N THR A 187 -14.05 -7.18 -16.57
CA THR A 187 -13.30 -6.39 -17.55
C THR A 187 -14.26 -5.79 -18.57
N HIS A 188 -13.90 -4.58 -19.06
CA HIS A 188 -14.58 -3.97 -20.19
C HIS A 188 -13.64 -2.95 -20.83
N VAL A 189 -13.92 -2.58 -22.09
CA VAL A 189 -13.15 -1.57 -22.78
C VAL A 189 -14.11 -0.44 -23.13
N THR A 190 -13.69 0.80 -22.83
CA THR A 190 -14.43 1.99 -23.16
C THR A 190 -13.67 2.77 -24.23
N HIS A 191 -14.42 3.67 -24.88
CA HIS A 191 -13.95 4.39 -26.04
C HIS A 191 -14.39 5.86 -25.94
N HIS A 192 -13.44 6.80 -26.01
CA HIS A 192 -13.80 8.22 -25.88
C HIS A 192 -13.06 9.00 -26.96
N PRO A 193 -13.73 9.57 -27.98
CA PRO A 193 -13.04 10.49 -28.89
C PRO A 193 -12.40 11.65 -28.16
N ILE A 194 -11.21 12.05 -28.59
CA ILE A 194 -10.56 13.25 -28.08
C ILE A 194 -10.58 14.34 -29.14
N SER A 195 -10.68 13.93 -30.40
CA SER A 195 -10.71 14.85 -31.53
C SER A 195 -11.36 14.10 -32.69
N ASP A 196 -11.45 14.71 -33.87
CA ASP A 196 -11.91 13.99 -35.04
C ASP A 196 -10.96 12.87 -35.47
N HIS A 197 -9.69 12.96 -35.05
CA HIS A 197 -8.59 12.18 -35.60
C HIS A 197 -8.24 11.00 -34.66
N GLU A 198 -8.61 11.10 -33.37
CA GLU A 198 -8.05 10.18 -32.36
C GLU A 198 -9.08 9.91 -31.25
N ALA A 199 -8.93 8.77 -30.60
CA ALA A 199 -9.81 8.36 -29.50
C ALA A 199 -8.97 7.63 -28.44
N THR A 200 -9.46 7.67 -27.18
CA THR A 200 -8.88 6.89 -26.11
C THR A 200 -9.61 5.56 -26.01
N LEU A 201 -8.86 4.47 -25.93
CA LEU A 201 -9.40 3.17 -25.53
C LEU A 201 -8.91 2.94 -24.11
N ARG A 202 -9.83 2.57 -23.20
CA ARG A 202 -9.42 2.33 -21.82
C ARG A 202 -9.90 0.94 -21.45
N CYS A 203 -8.98 0.12 -20.98
CA CYS A 203 -9.22 -1.26 -20.61
C CYS A 203 -9.30 -1.30 -19.07
N TRP A 204 -10.46 -1.75 -18.56
CA TRP A 204 -10.76 -1.77 -17.14
C TRP A 204 -10.71 -3.17 -16.54
N ALA A 205 -10.22 -3.23 -15.29
CA ALA A 205 -10.21 -4.44 -14.47
C ALA A 205 -10.75 -4.04 -13.09
N LEU A 206 -11.87 -4.66 -12.67
CA LEU A 206 -12.56 -4.29 -11.45
C LEU A 206 -12.85 -5.54 -10.63
N GLY A 207 -12.83 -5.36 -9.29
CA GLY A 207 -13.37 -6.44 -8.45
C GLY A 207 -12.41 -7.59 -8.17
N PHE A 208 -11.09 -7.41 -8.39
CA PHE A 208 -10.17 -8.53 -8.28
C PHE A 208 -9.42 -8.55 -6.95
N TYR A 209 -8.99 -9.78 -6.63
CA TYR A 209 -8.19 -10.03 -5.43
C TYR A 209 -7.36 -11.27 -5.72
N PRO A 210 -6.05 -11.30 -5.43
CA PRO A 210 -5.26 -10.22 -4.82
C PRO A 210 -4.92 -9.12 -5.81
N ALA A 211 -4.15 -8.13 -5.36
CA ALA A 211 -3.94 -6.92 -6.14
C ALA A 211 -3.06 -7.13 -7.37
N GLU A 212 -2.17 -8.10 -7.33
CA GLU A 212 -1.28 -8.36 -8.45
C GLU A 212 -2.07 -8.69 -9.71
N ILE A 213 -1.75 -7.94 -10.77
CA ILE A 213 -2.40 -8.06 -12.08
C ILE A 213 -1.45 -7.54 -13.15
N THR A 214 -1.62 -8.05 -14.35
CA THR A 214 -0.96 -7.46 -15.51
C THR A 214 -2.03 -7.05 -16.53
N LEU A 215 -1.98 -5.77 -16.92
CA LEU A 215 -2.88 -5.23 -17.89
C LEU A 215 -2.08 -4.47 -18.96
N THR A 216 -2.17 -4.89 -20.22
CA THR A 216 -1.37 -4.28 -21.28
C THR A 216 -2.26 -4.08 -22.50
N TRP A 217 -1.86 -3.08 -23.34
CA TRP A 217 -2.33 -2.99 -24.70
C TRP A 217 -1.28 -3.43 -25.73
N GLN A 218 -1.76 -4.09 -26.78
CA GLN A 218 -0.95 -4.32 -27.97
C GLN A 218 -1.59 -3.67 -29.20
N ARG A 219 -0.74 -3.25 -30.15
CA ARG A 219 -1.15 -2.81 -31.49
C ARG A 219 -0.57 -3.78 -32.51
N ASP A 220 -1.42 -4.47 -33.25
CA ASP A 220 -0.99 -5.47 -34.24
C ASP A 220 -0.09 -6.48 -33.53
N GLY A 221 -0.41 -6.81 -32.28
CA GLY A 221 0.33 -7.81 -31.50
C GLY A 221 1.68 -7.34 -30.94
N GLU A 222 1.99 -6.06 -31.00
CA GLU A 222 3.18 -5.50 -30.38
C GLU A 222 2.77 -4.74 -29.12
N ASP A 223 3.43 -5.05 -28.00
CA ASP A 223 3.28 -4.27 -26.78
C ASP A 223 3.48 -2.76 -27.03
N GLN A 224 2.67 -1.96 -26.32
CA GLN A 224 2.67 -0.50 -26.42
C GLN A 224 3.06 0.12 -25.09
N THR A 225 4.14 -0.34 -24.48
CA THR A 225 4.49 0.10 -23.13
C THR A 225 4.63 1.61 -23.10
N GLN A 226 5.30 2.20 -24.10
CA GLN A 226 5.62 3.60 -24.00
C GLN A 226 4.38 4.47 -24.24
N ASP A 227 3.38 3.97 -24.99
CA ASP A 227 2.23 4.80 -25.25
C ASP A 227 1.01 4.44 -24.40
N THR A 228 1.17 3.58 -23.38
CA THR A 228 0.05 3.25 -22.49
C THR A 228 0.10 4.07 -21.21
N GLU A 229 -1.04 4.64 -20.83
CA GLU A 229 -1.19 5.27 -19.51
C GLU A 229 -1.72 4.18 -18.59
N LEU A 230 -0.93 3.82 -17.58
CA LEU A 230 -1.30 2.78 -16.64
C LEU A 230 -1.41 3.38 -15.25
N VAL A 231 -2.62 3.38 -14.65
CA VAL A 231 -2.81 3.93 -13.31
C VAL A 231 -2.36 2.87 -12.28
N GLU A 232 -1.93 3.34 -11.13
CA GLU A 232 -1.62 2.47 -10.03
C GLU A 232 -2.87 1.69 -9.62
N THR A 233 -2.62 0.43 -9.28
CA THR A 233 -3.68 -0.43 -8.76
C THR A 233 -4.20 0.22 -7.49
N ARG A 234 -5.52 0.21 -7.35
CA ARG A 234 -6.20 1.00 -6.32
C ARG A 234 -7.24 0.19 -5.57
N PRO A 235 -7.36 0.35 -4.22
CA PRO A 235 -8.37 -0.40 -3.47
C PRO A 235 -9.78 0.11 -3.66
N ALA A 236 -10.75 -0.80 -3.72
CA ALA A 236 -12.14 -0.41 -3.86
C ALA A 236 -12.79 -0.16 -2.50
N GLY A 237 -12.29 -0.79 -1.43
CA GLY A 237 -12.85 -0.70 -0.08
C GLY A 237 -13.68 -1.89 0.37
N ASP A 238 -13.86 -2.87 -0.51
CA ASP A 238 -14.62 -4.10 -0.24
C ASP A 238 -13.70 -5.34 -0.33
N ARG A 239 -12.40 -5.10 -0.25
CA ARG A 239 -11.30 -6.05 -0.25
C ARG A 239 -10.67 -6.08 -1.65
N THR A 240 -11.42 -5.65 -2.67
CA THR A 240 -10.94 -5.87 -4.04
C THR A 240 -10.17 -4.65 -4.53
N PHE A 241 -9.62 -4.82 -5.73
CA PHE A 241 -8.77 -3.81 -6.36
C PHE A 241 -9.30 -3.49 -7.74
N GLN A 242 -8.78 -2.37 -8.26
CA GLN A 242 -9.15 -1.82 -9.57
C GLN A 242 -7.91 -1.35 -10.30
N LYS A 243 -7.93 -1.39 -11.64
CA LYS A 243 -6.87 -0.79 -12.46
C LYS A 243 -7.41 -0.53 -13.84
N TRP A 244 -6.82 0.44 -14.54
CA TRP A 244 -7.06 0.56 -15.95
C TRP A 244 -5.79 0.94 -16.71
N ALA A 245 -5.87 0.73 -18.04
CA ALA A 245 -4.78 1.04 -18.95
C ALA A 245 -5.39 1.69 -20.19
N ALA A 246 -4.83 2.80 -20.64
CA ALA A 246 -5.41 3.56 -21.75
C ALA A 246 -4.37 3.81 -22.86
N VAL A 247 -4.86 3.80 -24.10
CA VAL A 247 -4.05 4.17 -25.25
C VAL A 247 -4.85 5.09 -26.14
N VAL A 248 -4.14 6.01 -26.82
CA VAL A 248 -4.73 6.91 -27.79
C VAL A 248 -4.50 6.31 -29.19
N VAL A 249 -5.58 6.17 -29.93
CA VAL A 249 -5.54 5.42 -31.17
C VAL A 249 -6.07 6.29 -32.29
N PRO A 250 -5.59 6.11 -33.53
CA PRO A 250 -6.21 6.85 -34.65
C PRO A 250 -7.63 6.35 -34.92
N SER A 251 -8.53 7.28 -35.27
CA SER A 251 -9.92 6.94 -35.54
C SER A 251 -9.99 5.94 -36.69
N GLY A 252 -10.79 4.89 -36.52
CA GLY A 252 -10.81 3.90 -37.57
C GLY A 252 -9.93 2.69 -37.33
N GLU A 253 -8.92 2.76 -36.43
CA GLU A 253 -7.96 1.68 -36.26
C GLU A 253 -8.17 0.89 -34.97
N GLU A 254 -9.32 1.09 -34.32
CA GLU A 254 -9.55 0.51 -32.99
C GLU A 254 -9.37 -1.00 -32.95
N GLN A 255 -9.74 -1.72 -34.03
CA GLN A 255 -9.73 -3.17 -33.96
C GLN A 255 -8.30 -3.74 -34.07
N ARG A 256 -7.28 -2.90 -34.33
CA ARG A 256 -5.90 -3.34 -34.32
C ARG A 256 -5.36 -3.47 -32.89
N TYR A 257 -6.16 -3.02 -31.91
CA TYR A 257 -5.67 -2.94 -30.55
C TYR A 257 -6.38 -4.01 -29.69
N THR A 258 -5.55 -4.71 -28.92
CA THR A 258 -6.03 -5.71 -27.98
C THR A 258 -5.53 -5.37 -26.57
N CYS A 259 -6.43 -5.60 -25.58
CA CYS A 259 -6.12 -5.49 -24.16
C CYS A 259 -5.87 -6.91 -23.65
N HIS A 260 -4.79 -7.14 -22.93
CA HIS A 260 -4.47 -8.45 -22.37
C HIS A 260 -4.48 -8.37 -20.84
N VAL A 261 -5.14 -9.36 -20.21
CA VAL A 261 -5.34 -9.39 -18.77
C VAL A 261 -4.88 -10.73 -18.21
N GLN A 262 -3.94 -10.67 -17.26
CA GLN A 262 -3.53 -11.84 -16.49
C GLN A 262 -3.79 -11.60 -15.00
N HIS A 263 -4.35 -12.63 -14.36
CA HIS A 263 -4.72 -12.60 -12.94
C HIS A 263 -4.91 -14.03 -12.45
N GLU A 264 -4.51 -14.28 -11.19
CA GLU A 264 -4.65 -15.60 -10.58
C GLU A 264 -6.08 -16.16 -10.54
N GLY A 265 -7.15 -15.36 -10.50
CA GLY A 265 -8.54 -15.82 -10.44
C GLY A 265 -9.17 -16.23 -11.79
N LEU A 266 -8.47 -15.94 -12.88
CA LEU A 266 -8.97 -16.23 -14.21
C LEU A 266 -8.58 -17.67 -14.53
N PRO A 267 -9.53 -18.44 -15.12
CA PRO A 267 -9.20 -19.76 -15.64
C PRO A 267 -8.23 -19.65 -16.81
N LYS A 268 -8.36 -18.60 -17.66
CA LYS A 268 -7.40 -18.33 -18.73
C LYS A 268 -7.21 -16.82 -18.91
N PRO A 269 -6.05 -16.37 -19.40
CA PRO A 269 -5.83 -14.96 -19.74
C PRO A 269 -6.86 -14.48 -20.76
N LEU A 270 -7.15 -13.16 -20.67
CA LEU A 270 -8.19 -12.53 -21.46
C LEU A 270 -7.51 -11.71 -22.54
N THR A 271 -8.19 -11.72 -23.69
CA THR A 271 -7.89 -10.83 -24.79
C THR A 271 -9.17 -10.09 -25.10
N LEU A 272 -9.18 -8.75 -25.00
CA LEU A 272 -10.38 -7.97 -25.15
C LEU A 272 -10.13 -6.92 -26.25
N ARG A 273 -11.20 -6.58 -26.95
CA ARG A 273 -11.16 -5.45 -27.86
C ARG A 273 -12.36 -4.55 -27.59
N TRP A 274 -12.30 -3.31 -28.08
CA TRP A 274 -13.48 -2.49 -28.13
C TRP A 274 -14.61 -3.20 -28.85
N GLU A 275 -15.75 -3.25 -28.15
CA GLU A 275 -16.90 -4.14 -28.33
C GLU A 275 -16.45 -5.59 -28.63
N ILE B 1 14.68 13.63 1.65
CA ILE B 1 13.93 13.82 0.37
C ILE B 1 12.42 13.62 0.57
N GLN B 2 11.69 14.10 -0.41
CA GLN B 2 10.26 14.22 -0.33
C GLN B 2 9.69 13.71 -1.64
N ARG B 3 8.48 13.15 -1.57
CA ARG B 3 7.83 12.62 -2.74
C ARG B 3 6.37 13.08 -2.74
N THR B 4 5.91 13.60 -3.88
CA THR B 4 4.62 14.24 -3.91
C THR B 4 3.53 13.18 -4.14
N PRO B 5 2.33 13.33 -3.54
CA PRO B 5 1.29 12.30 -3.75
C PRO B 5 0.71 12.19 -5.15
N LYS B 6 0.40 10.96 -5.49
CA LYS B 6 -0.45 10.56 -6.59
C LYS B 6 -1.85 10.52 -6.03
N ILE B 7 -2.84 10.97 -6.82
CA ILE B 7 -4.20 11.10 -6.37
C ILE B 7 -5.13 10.45 -7.38
N GLN B 8 -5.98 9.53 -6.93
CA GLN B 8 -7.06 9.02 -7.77
C GLN B 8 -8.39 9.14 -7.02
N VAL B 9 -9.43 9.57 -7.74
CA VAL B 9 -10.77 9.74 -7.19
C VAL B 9 -11.74 8.90 -8.01
N TYR B 10 -12.52 8.05 -7.34
CA TYR B 10 -13.27 6.98 -8.02
C TYR B 10 -14.31 6.37 -7.09
N SER B 11 -15.24 5.57 -7.66
CA SER B 11 -16.25 4.90 -6.88
C SER B 11 -15.93 3.42 -6.67
N ARG B 12 -16.44 2.91 -5.55
CA ARG B 12 -16.26 1.50 -5.18
C ARG B 12 -16.91 0.59 -6.21
N HIS B 13 -18.18 0.91 -6.53
CA HIS B 13 -18.99 0.18 -7.50
C HIS B 13 -19.18 1.07 -8.72
N PRO B 14 -19.51 0.51 -9.90
CA PRO B 14 -19.77 1.35 -11.06
C PRO B 14 -20.91 2.33 -10.81
N ALA B 15 -20.76 3.57 -11.27
CA ALA B 15 -21.65 4.65 -10.85
C ALA B 15 -22.99 4.53 -11.56
N GLU B 16 -24.07 4.62 -10.78
CA GLU B 16 -25.43 4.60 -11.30
C GLU B 16 -26.19 5.72 -10.61
N ASN B 17 -26.59 6.75 -11.38
CA ASN B 17 -27.33 7.87 -10.82
C ASN B 17 -28.48 7.34 -9.94
N GLY B 18 -28.57 7.89 -8.74
CA GLY B 18 -29.64 7.56 -7.83
C GLY B 18 -29.37 6.37 -6.94
N LYS B 19 -28.24 5.66 -7.15
CA LYS B 19 -27.93 4.47 -6.36
C LYS B 19 -26.72 4.71 -5.45
N SER B 20 -26.87 4.30 -4.19
CA SER B 20 -25.90 4.52 -3.12
C SER B 20 -24.64 3.70 -3.40
N ASN B 21 -23.48 4.29 -3.08
CA ASN B 21 -22.17 3.84 -3.53
C ASN B 21 -21.17 4.37 -2.48
N PHE B 22 -19.88 4.23 -2.76
CA PHE B 22 -18.81 4.84 -1.98
C PHE B 22 -17.88 5.62 -2.87
N LEU B 23 -17.54 6.85 -2.44
CA LEU B 23 -16.60 7.73 -3.08
C LEU B 23 -15.23 7.56 -2.40
N ASN B 24 -14.21 7.30 -3.21
CA ASN B 24 -12.86 7.01 -2.73
C ASN B 24 -11.91 8.07 -3.25
N CYS B 25 -10.97 8.43 -2.37
CA CYS B 25 -9.80 9.20 -2.76
C CYS B 25 -8.59 8.40 -2.27
N TYR B 26 -7.80 7.94 -3.22
CA TYR B 26 -6.63 7.12 -2.95
C TYR B 26 -5.40 7.98 -3.15
N VAL B 27 -4.66 8.24 -2.07
CA VAL B 27 -3.42 9.01 -2.17
C VAL B 27 -2.23 8.08 -1.95
N SER B 28 -1.22 8.15 -2.80
CA SER B 28 -0.16 7.19 -2.75
C SER B 28 1.15 7.79 -3.25
N GLY B 29 2.23 7.10 -2.95
CA GLY B 29 3.50 7.51 -3.51
C GLY B 29 4.18 8.68 -2.81
N PHE B 30 3.76 9.05 -1.58
CA PHE B 30 4.19 10.29 -0.95
C PHE B 30 5.13 10.01 0.23
N HIS B 31 5.91 11.03 0.54
CA HIS B 31 6.83 10.99 1.67
C HIS B 31 7.20 12.42 2.01
N PRO B 32 7.17 12.87 3.27
CA PRO B 32 6.78 12.10 4.44
C PRO B 32 5.29 11.89 4.57
N SER B 33 4.84 11.36 5.71
CA SER B 33 3.51 10.81 5.87
C SER B 33 2.42 11.83 6.16
N ASP B 34 2.72 13.03 6.69
CA ASP B 34 1.68 14.00 6.97
C ASP B 34 1.03 14.46 5.66
N ILE B 35 -0.29 14.46 5.69
CA ILE B 35 -1.09 14.75 4.51
C ILE B 35 -2.50 15.12 4.96
N GLU B 36 -3.12 16.04 4.22
CA GLU B 36 -4.48 16.45 4.55
C GLU B 36 -5.35 16.23 3.31
N VAL B 37 -6.39 15.43 3.50
CA VAL B 37 -7.27 15.02 2.43
C VAL B 37 -8.71 15.35 2.80
N ASP B 38 -9.39 16.03 1.88
CA ASP B 38 -10.83 16.25 2.04
C ASP B 38 -11.57 15.73 0.81
N LEU B 39 -12.76 15.17 1.03
CA LEU B 39 -13.66 14.90 -0.09
C LEU B 39 -14.66 16.07 -0.14
N LEU B 40 -15.00 16.51 -1.34
CA LEU B 40 -15.87 17.66 -1.56
C LEU B 40 -17.10 17.24 -2.33
N LYS B 41 -18.23 17.85 -1.99
CA LYS B 41 -19.48 17.70 -2.71
C LYS B 41 -19.95 19.12 -3.08
N ASN B 42 -20.01 19.41 -4.39
CA ASN B 42 -20.26 20.77 -4.88
C ASN B 42 -19.39 21.78 -4.15
N GLY B 43 -18.09 21.47 -4.05
CA GLY B 43 -17.10 22.40 -3.55
C GLY B 43 -16.99 22.41 -2.02
N GLU B 44 -17.92 21.76 -1.28
CA GLU B 44 -17.94 21.86 0.18
C GLU B 44 -17.43 20.58 0.84
N ARG B 45 -16.66 20.70 1.92
CA ARG B 45 -16.14 19.52 2.62
C ARG B 45 -17.23 18.59 3.17
N ILE B 46 -17.13 17.30 2.81
CA ILE B 46 -17.97 16.25 3.37
C ILE B 46 -17.47 15.93 4.78
N GLU B 47 -18.42 15.77 5.72
CA GLU B 47 -18.03 15.51 7.10
C GLU B 47 -17.92 14.00 7.38
N LYS B 48 -17.10 13.64 8.35
CA LYS B 48 -17.06 12.27 8.88
C LYS B 48 -16.55 11.26 7.83
N VAL B 49 -15.70 11.73 6.89
CA VAL B 49 -14.97 10.87 5.97
C VAL B 49 -14.01 9.98 6.77
N GLU B 50 -14.02 8.68 6.48
CA GLU B 50 -13.11 7.73 7.09
C GLU B 50 -11.89 7.49 6.22
N HIS B 51 -10.85 6.92 6.87
CA HIS B 51 -9.65 6.54 6.16
C HIS B 51 -9.06 5.25 6.70
N SER B 52 -8.25 4.65 5.84
CA SER B 52 -7.49 3.45 6.16
C SER B 52 -6.35 3.75 7.14
N ASP B 53 -5.75 2.68 7.68
CA ASP B 53 -4.59 2.79 8.54
C ASP B 53 -3.33 3.03 7.70
N LEU B 54 -2.51 3.99 8.14
CA LEU B 54 -1.30 4.39 7.42
C LEU B 54 -0.48 3.15 7.14
N SER B 55 -0.12 2.94 5.86
CA SER B 55 0.75 1.87 5.41
C SER B 55 1.63 2.41 4.27
N PHE B 56 2.44 1.54 3.66
CA PHE B 56 3.33 1.99 2.59
C PHE B 56 3.67 0.81 1.70
N SER B 57 4.11 1.15 0.49
CA SER B 57 4.59 0.23 -0.51
C SER B 57 6.05 -0.18 -0.25
N LYS B 58 6.51 -1.20 -0.98
CA LYS B 58 7.84 -1.74 -0.73
C LYS B 58 8.94 -0.76 -1.14
N ASP B 59 8.65 0.33 -1.85
CA ASP B 59 9.57 1.43 -2.09
C ASP B 59 9.52 2.53 -1.03
N TRP B 60 8.80 2.23 0.07
CA TRP B 60 8.68 3.02 1.28
C TRP B 60 7.67 4.18 1.13
N SER B 61 7.05 4.42 -0.05
CA SER B 61 6.13 5.52 -0.16
C SER B 61 4.77 5.16 0.46
N PHE B 62 4.22 6.15 1.17
CA PHE B 62 2.98 5.97 1.93
C PHE B 62 1.74 5.94 1.03
N TYR B 63 0.67 5.31 1.54
CA TYR B 63 -0.63 5.40 0.89
C TYR B 63 -1.73 5.38 1.95
N LEU B 64 -2.84 6.07 1.61
CA LEU B 64 -4.05 6.11 2.40
C LEU B 64 -5.24 6.09 1.43
N LEU B 65 -6.33 5.47 1.88
CA LEU B 65 -7.61 5.52 1.22
C LEU B 65 -8.57 6.31 2.10
N TYR B 66 -9.20 7.37 1.54
CA TYR B 66 -10.23 8.15 2.21
C TYR B 66 -11.55 7.83 1.50
N TYR B 67 -12.65 7.70 2.25
CA TYR B 67 -13.87 7.17 1.65
C TYR B 67 -15.10 7.61 2.43
N THR B 68 -16.21 7.73 1.70
CA THR B 68 -17.51 8.07 2.28
C THR B 68 -18.62 7.48 1.38
N GLU B 69 -19.78 7.24 2.02
CA GLU B 69 -21.01 6.95 1.29
C GLU B 69 -21.43 8.15 0.42
N PHE B 70 -21.97 7.87 -0.78
CA PHE B 70 -22.49 8.93 -1.62
C PHE B 70 -23.47 8.28 -2.59
N THR B 71 -24.52 9.02 -2.95
CA THR B 71 -25.47 8.62 -3.98
C THR B 71 -25.29 9.57 -5.16
N PRO B 72 -24.58 9.18 -6.25
CA PRO B 72 -24.30 10.10 -7.36
C PRO B 72 -25.59 10.54 -8.05
N THR B 73 -25.52 11.68 -8.73
CA THR B 73 -26.62 12.23 -9.51
C THR B 73 -25.99 12.83 -10.74
N GLU B 74 -26.79 13.36 -11.67
CA GLU B 74 -26.24 13.98 -12.87
C GLU B 74 -25.64 15.34 -12.56
N LYS B 75 -26.21 16.01 -11.55
CA LYS B 75 -25.96 17.41 -11.22
C LYS B 75 -24.77 17.55 -10.27
N ASP B 76 -24.67 16.68 -9.27
CA ASP B 76 -23.71 16.88 -8.19
C ASP B 76 -22.29 16.60 -8.67
N GLU B 77 -21.35 17.46 -8.25
CA GLU B 77 -19.95 17.37 -8.60
C GLU B 77 -19.18 16.91 -7.36
N TYR B 78 -18.27 15.95 -7.51
CA TYR B 78 -17.47 15.44 -6.40
C TYR B 78 -16.02 15.68 -6.72
N ALA B 79 -15.21 15.81 -5.64
CA ALA B 79 -13.78 15.95 -5.84
C ALA B 79 -13.01 15.57 -4.58
N CYS B 80 -11.69 15.48 -4.73
CA CYS B 80 -10.77 15.22 -3.64
C CYS B 80 -9.80 16.39 -3.60
N ARG B 81 -9.51 16.89 -2.41
CA ARG B 81 -8.60 18.02 -2.22
C ARG B 81 -7.46 17.54 -1.30
N VAL B 82 -6.23 17.68 -1.75
CA VAL B 82 -5.07 17.14 -1.03
C VAL B 82 -4.04 18.23 -0.76
N ASN B 83 -3.56 18.29 0.48
CA ASN B 83 -2.39 19.10 0.75
C ASN B 83 -1.28 18.24 1.33
N HIS B 84 -0.04 18.66 1.04
CA HIS B 84 1.17 17.93 1.42
C HIS B 84 2.33 18.94 1.44
N VAL B 85 3.41 18.63 2.16
CA VAL B 85 4.50 19.61 2.23
C VAL B 85 5.05 19.91 0.83
N THR B 86 4.97 18.96 -0.12
CA THR B 86 5.50 19.10 -1.47
C THR B 86 4.66 20.03 -2.34
N LEU B 87 3.45 20.37 -1.90
CA LEU B 87 2.48 21.14 -2.69
C LEU B 87 2.40 22.57 -2.18
N SER B 88 2.54 23.53 -3.11
CA SER B 88 2.50 24.93 -2.69
C SER B 88 1.08 25.37 -2.38
N GLN B 89 0.06 24.75 -3.00
CA GLN B 89 -1.32 24.99 -2.65
C GLN B 89 -2.06 23.65 -2.75
N PRO B 90 -3.27 23.54 -2.18
CA PRO B 90 -4.04 22.31 -2.29
C PRO B 90 -4.30 21.89 -3.74
N LYS B 91 -4.18 20.59 -4.00
CA LYS B 91 -4.45 20.05 -5.33
C LYS B 91 -5.86 19.48 -5.31
N ILE B 92 -6.65 19.84 -6.32
CA ILE B 92 -8.01 19.36 -6.42
C ILE B 92 -8.11 18.46 -7.64
N VAL B 93 -8.56 17.19 -7.44
CA VAL B 93 -8.86 16.27 -8.52
C VAL B 93 -10.36 16.00 -8.52
N LYS B 94 -11.00 16.21 -9.70
CA LYS B 94 -12.43 16.01 -9.86
C LYS B 94 -12.77 14.54 -10.12
N TRP B 95 -13.89 14.08 -9.56
CA TRP B 95 -14.42 12.76 -9.84
C TRP B 95 -14.97 12.73 -11.27
N ASP B 96 -14.41 11.83 -12.09
CA ASP B 96 -14.87 11.58 -13.45
C ASP B 96 -15.23 10.11 -13.53
N ARG B 97 -16.47 9.77 -13.86
CA ARG B 97 -16.87 8.38 -13.76
C ARG B 97 -16.15 7.51 -14.78
N ASP B 98 -15.42 8.08 -15.73
CA ASP B 98 -14.68 7.30 -16.72
C ASP B 98 -13.22 7.12 -16.31
N MET B 99 -12.84 7.44 -15.06
CA MET B 99 -11.44 7.32 -14.67
C MET B 99 -11.28 6.68 -13.26
N ARG C 11 4.46 -18.43 20.07
CA ARG C 11 3.02 -18.17 20.37
C ARG C 11 2.59 -16.80 19.81
N ALA C 12 3.24 -15.71 20.24
CA ALA C 12 2.89 -14.37 19.77
C ALA C 12 3.01 -14.35 18.26
N PHE C 13 2.16 -13.54 17.58
CA PHE C 13 2.27 -13.38 16.14
C PHE C 13 3.07 -12.14 15.72
N VAL C 14 3.28 -11.20 16.66
CA VAL C 14 4.00 -9.96 16.41
C VAL C 14 5.48 -10.22 16.72
N GLY C 15 6.38 -9.66 15.91
CA GLY C 15 7.82 -9.81 16.09
C GLY C 15 8.35 -8.75 17.05
N LYS C 16 9.25 -9.16 17.95
CA LYS C 16 10.03 -8.25 18.76
C LYS C 16 11.05 -7.52 17.92
N LYS C 17 11.14 -6.21 18.13
CA LYS C 17 12.14 -5.39 17.46
C LYS C 17 13.34 -5.07 18.33
N TYR C 18 14.43 -4.62 17.68
CA TYR C 18 15.67 -4.25 18.35
C TYR C 18 16.02 -2.81 17.97
N CYS C 19 16.50 -2.05 18.95
CA CYS C 19 16.87 -0.65 18.78
C CYS C 19 18.06 -0.55 17.80
N LEU C 20 17.93 0.36 16.83
CA LEU C 20 18.95 0.66 15.84
C LEU C 20 20.15 1.39 16.52
#